data_6SXG
#
_entry.id   6SXG
#
_cell.length_a   108.910
_cell.length_b   108.910
_cell.length_c   211.292
_cell.angle_alpha   90.000
_cell.angle_beta   90.000
_cell.angle_gamma   90.000
#
_symmetry.space_group_name_H-M   'I 4 2 2'
#
loop_
_entity.id
_entity.type
_entity.pdbx_description
1 polymer 'Ion transport protein'
2 non-polymer 'SODIUM ION'
3 non-polymer HEGA-10
4 non-polymer 4-HYDROXYTAMOXIFEN
5 non-polymer 'DODECAETHYLENE GLYCOL'
6 water water
#
_entity_poly.entity_id   1
_entity_poly.type   'polypeptide(L)'
_entity_poly.pdbx_seq_one_letter_code
;GSHMSRKIRDLIESKRFQNVITAIIVLNGAVLGLLTDTTLSASSQNLLERVDQLCLTIFIVEISLKIYAYGVRGFFRSGW
NLFDFVIVAIALMPAQGSLSVLRTFRIFRVMRLVSVIPTMRRVVQGMLLALPGVGSVAALLTVVFYIAAVMATNLYGATF
PEWFGDLSKSLYTLFQVMTLESWSMGIVRPVMNVHPNAWVFFIPFIMLTTFTVLNLFIGIIVDAMAITKEQEEEAKTGHH
QEPISQTLLHLGDRLDRIEKQLAQNNELLQRQQPQKK
;
_entity_poly.pdbx_strand_id   A
#
loop_
_chem_comp.id
_chem_comp.type
_chem_comp.name
_chem_comp.formula
12P non-polymer 'DODECAETHYLENE GLYCOL' 'C24 H50 O13'
2CV non-polymer HEGA-10 'C18 H37 N O7'
NA non-polymer 'SODIUM ION' 'Na 1'
OHT non-polymer 4-HYDROXYTAMOXIFEN 'C26 H29 N O2'
#
# COMPACT_ATOMS: atom_id res chain seq x y z
N SER A 2 -24.93 -26.63 3.77
CA SER A 2 -24.85 -27.69 4.78
C SER A 2 -24.83 -27.13 6.21
N HIS A 3 -25.27 -27.95 7.20
CA HIS A 3 -25.31 -27.57 8.61
C HIS A 3 -23.92 -27.32 9.20
N MET A 4 -22.92 -28.11 8.75
CA MET A 4 -21.53 -28.02 9.21
C MET A 4 -20.90 -26.68 8.77
N SER A 5 -21.00 -26.33 7.47
CA SER A 5 -20.49 -25.08 6.90
C SER A 5 -21.17 -23.82 7.48
N ARG A 6 -22.46 -23.93 7.86
CA ARG A 6 -23.26 -22.83 8.42
C ARG A 6 -22.83 -22.43 9.83
N LYS A 7 -22.53 -23.41 10.71
CA LYS A 7 -22.09 -23.12 12.09
C LYS A 7 -20.63 -22.66 12.13
N ILE A 8 -19.80 -23.13 11.17
CA ILE A 8 -18.39 -22.76 11.02
C ILE A 8 -18.30 -21.29 10.56
N ARG A 9 -19.13 -20.87 9.57
CA ARG A 9 -19.20 -19.48 9.06
C ARG A 9 -19.64 -18.52 10.17
N ASP A 10 -20.61 -18.95 11.02
CA ASP A 10 -21.11 -18.16 12.16
C ASP A 10 -19.98 -17.92 13.17
N LEU A 11 -19.16 -18.98 13.42
CA LEU A 11 -18.00 -18.94 14.32
C LEU A 11 -16.92 -18.03 13.72
N ILE A 12 -16.58 -18.21 12.42
CA ILE A 12 -15.60 -17.39 11.68
C ILE A 12 -15.97 -15.90 11.73
N GLU A 13 -17.24 -15.56 11.42
CA GLU A 13 -17.75 -14.18 11.38
C GLU A 13 -17.90 -13.51 12.76
N SER A 14 -17.83 -14.29 13.86
CA SER A 14 -17.98 -13.75 15.22
C SER A 14 -16.80 -12.87 15.65
N LYS A 15 -17.08 -11.85 16.50
CA LYS A 15 -16.11 -10.92 17.05
C LYS A 15 -15.05 -11.63 17.91
N ARG A 16 -15.43 -12.68 18.66
CA ARG A 16 -14.49 -13.43 19.49
C ARG A 16 -13.46 -14.19 18.65
N PHE A 17 -13.90 -14.79 17.50
CA PHE A 17 -13.00 -15.49 16.57
C PHE A 17 -11.98 -14.49 16.01
N GLN A 18 -12.45 -13.29 15.63
CA GLN A 18 -11.64 -12.19 15.12
C GLN A 18 -10.60 -11.78 16.18
N ASN A 19 -11.03 -11.70 17.46
CA ASN A 19 -10.19 -11.37 18.61
C ASN A 19 -9.16 -12.45 18.94
N VAL A 20 -9.53 -13.75 18.76
CA VAL A 20 -8.62 -14.88 18.98
C VAL A 20 -7.48 -14.79 17.96
N ILE A 21 -7.82 -14.65 16.65
CA ILE A 21 -6.86 -14.54 15.55
C ILE A 21 -5.92 -13.33 15.76
N THR A 22 -6.48 -12.17 16.15
CA THR A 22 -5.75 -10.93 16.43
C THR A 22 -4.71 -11.15 17.55
N ALA A 23 -5.13 -11.78 18.66
CA ALA A 23 -4.29 -12.11 19.82
C ALA A 23 -3.11 -13.02 19.44
N ILE A 24 -3.35 -14.01 18.55
CA ILE A 24 -2.34 -14.95 18.07
C ILE A 24 -1.35 -14.24 17.13
N ILE A 25 -1.83 -13.29 16.29
CA ILE A 25 -0.94 -12.49 15.42
C ILE A 25 -0.01 -11.63 16.29
N VAL A 26 -0.58 -10.98 17.33
CA VAL A 26 0.14 -10.13 18.29
C VAL A 26 1.20 -10.96 19.02
N LEU A 27 0.81 -12.15 19.50
CA LEU A 27 1.68 -13.10 20.19
C LEU A 27 2.82 -13.55 19.28
N ASN A 28 2.51 -13.94 18.03
CA ASN A 28 3.50 -14.38 17.04
C ASN A 28 4.53 -13.27 16.77
N GLY A 29 4.05 -12.02 16.65
CA GLY A 29 4.89 -10.84 16.45
C GLY A 29 5.80 -10.57 17.62
N ALA A 30 5.26 -10.74 18.85
CA ALA A 30 5.99 -10.57 20.11
C ALA A 30 7.09 -11.61 20.26
N VAL A 31 6.82 -12.92 19.95
CA VAL A 31 7.84 -13.97 20.05
C VAL A 31 8.97 -13.77 18.99
N LEU A 32 8.62 -13.32 17.77
CA LEU A 32 9.60 -13.06 16.69
C LEU A 32 10.53 -11.86 17.02
N GLY A 33 9.99 -10.91 17.78
CA GLY A 33 10.69 -9.73 18.27
C GLY A 33 11.64 -10.10 19.40
N LEU A 34 11.24 -11.08 20.23
CA LEU A 34 12.07 -11.61 21.30
C LEU A 34 13.20 -12.45 20.71
N LEU A 35 12.93 -13.12 19.56
CA LEU A 35 13.91 -13.96 18.87
C LEU A 35 15.00 -13.16 18.13
N THR A 36 14.90 -11.81 18.07
CA THR A 36 15.93 -10.97 17.44
C THR A 36 17.15 -10.84 18.37
N ASP A 37 16.92 -11.05 19.68
CA ASP A 37 17.92 -11.00 20.74
C ASP A 37 18.85 -12.24 20.71
N THR A 38 20.14 -11.99 20.42
CA THR A 38 21.19 -13.01 20.33
C THR A 38 21.65 -13.57 21.68
N THR A 39 21.46 -12.82 22.78
CA THR A 39 21.89 -13.20 24.13
C THR A 39 21.03 -14.32 24.79
N LEU A 40 19.88 -14.69 24.18
CA LEU A 40 18.96 -15.72 24.72
C LEU A 40 19.61 -17.11 24.83
N SER A 41 19.14 -17.92 25.79
CA SER A 41 19.64 -19.29 25.98
C SER A 41 19.09 -20.20 24.88
N ALA A 42 19.68 -21.41 24.73
CA ALA A 42 19.26 -22.40 23.75
C ALA A 42 17.82 -22.85 24.02
N SER A 43 17.47 -23.06 25.30
CA SER A 43 16.13 -23.46 25.74
C SER A 43 15.11 -22.33 25.56
N SER A 44 15.51 -21.07 25.86
CA SER A 44 14.66 -19.88 25.66
C SER A 44 14.28 -19.73 24.18
N GLN A 45 15.25 -19.94 23.27
CA GLN A 45 15.07 -19.90 21.81
C GLN A 45 14.14 -21.00 21.32
N ASN A 46 14.34 -22.26 21.81
CA ASN A 46 13.51 -23.42 21.45
C ASN A 46 12.07 -23.22 21.89
N LEU A 47 11.87 -22.59 23.07
CA LEU A 47 10.57 -22.28 23.65
C LEU A 47 9.77 -21.30 22.77
N LEU A 48 10.42 -20.21 22.32
CA LEU A 48 9.80 -19.19 21.46
C LEU A 48 9.50 -19.75 20.06
N GLU A 49 10.40 -20.60 19.54
CA GLU A 49 10.29 -21.28 18.24
C GLU A 49 9.05 -22.19 18.19
N ARG A 50 8.72 -22.83 19.33
CA ARG A 50 7.55 -23.69 19.48
C ARG A 50 6.28 -22.86 19.55
N VAL A 51 6.36 -21.66 20.17
CA VAL A 51 5.23 -20.72 20.24
C VAL A 51 4.97 -20.18 18.82
N ASP A 52 6.04 -20.02 18.00
CA ASP A 52 5.94 -19.60 16.59
C ASP A 52 5.23 -20.71 15.78
N GLN A 53 5.56 -21.98 16.06
CA GLN A 53 4.99 -23.17 15.43
C GLN A 53 3.51 -23.29 15.78
N LEU A 54 3.16 -23.11 17.08
CA LEU A 54 1.79 -23.15 17.59
C LEU A 54 0.92 -22.08 16.92
N CYS A 55 1.47 -20.85 16.78
CA CYS A 55 0.80 -19.72 16.13
C CYS A 55 0.49 -20.04 14.68
N LEU A 56 1.48 -20.61 13.95
CA LEU A 56 1.36 -21.01 12.55
C LEU A 56 0.29 -22.08 12.34
N THR A 57 0.26 -23.11 13.22
CA THR A 57 -0.71 -24.20 13.17
C THR A 57 -2.14 -23.68 13.40
N ILE A 58 -2.31 -22.67 14.29
CA ILE A 58 -3.60 -22.01 14.57
C ILE A 58 -4.09 -21.30 13.29
N PHE A 59 -3.16 -20.70 12.51
CA PHE A 59 -3.49 -20.03 11.25
C PHE A 59 -3.86 -21.02 10.16
N ILE A 60 -3.22 -22.22 10.16
CA ILE A 60 -3.53 -23.29 9.20
C ILE A 60 -4.97 -23.77 9.44
N VAL A 61 -5.36 -23.95 10.72
CA VAL A 61 -6.72 -24.36 11.10
C VAL A 61 -7.71 -23.27 10.65
N GLU A 62 -7.44 -21.99 10.98
CA GLU A 62 -8.23 -20.81 10.61
C GLU A 62 -8.58 -20.79 9.11
N ILE A 63 -7.54 -20.78 8.24
CA ILE A 63 -7.65 -20.77 6.77
C ILE A 63 -8.42 -22.01 6.25
N SER A 64 -8.14 -23.21 6.79
CA SER A 64 -8.82 -24.46 6.41
C SER A 64 -10.31 -24.41 6.71
N LEU A 65 -10.69 -23.80 7.87
CA LEU A 65 -12.08 -23.62 8.28
C LEU A 65 -12.79 -22.69 7.29
N LYS A 66 -12.09 -21.63 6.83
CA LYS A 66 -12.57 -20.64 5.87
C LYS A 66 -12.78 -21.23 4.47
N ILE A 67 -11.88 -22.11 4.00
CA ILE A 67 -12.00 -22.75 2.68
C ILE A 67 -13.18 -23.73 2.69
N TYR A 68 -13.33 -24.51 3.78
CA TYR A 68 -14.43 -25.47 3.95
C TYR A 68 -15.78 -24.75 4.06
N ALA A 69 -15.86 -23.69 4.89
CA ALA A 69 -17.08 -22.93 5.16
C ALA A 69 -17.57 -22.06 4.00
N TYR A 70 -16.65 -21.50 3.20
CA TYR A 70 -17.01 -20.60 2.10
C TYR A 70 -16.89 -21.23 0.71
N GLY A 71 -16.06 -22.26 0.57
CA GLY A 71 -15.80 -22.92 -0.69
C GLY A 71 -14.55 -22.36 -1.34
N VAL A 72 -13.83 -23.18 -2.14
CA VAL A 72 -12.59 -22.78 -2.82
C VAL A 72 -12.79 -21.53 -3.70
N ARG A 73 -13.90 -21.47 -4.47
CA ARG A 73 -14.23 -20.33 -5.32
C ARG A 73 -14.60 -19.08 -4.50
N GLY A 74 -15.41 -19.26 -3.46
CA GLY A 74 -15.88 -18.21 -2.56
C GLY A 74 -14.80 -17.58 -1.69
N PHE A 75 -13.85 -18.40 -1.21
CA PHE A 75 -12.74 -17.94 -0.38
C PHE A 75 -11.77 -17.13 -1.25
N PHE A 76 -11.30 -17.73 -2.37
CA PHE A 76 -10.36 -17.08 -3.30
C PHE A 76 -11.00 -15.96 -4.14
N ARG A 77 -12.29 -15.64 -3.89
CA ARG A 77 -13.04 -14.55 -4.53
C ARG A 77 -12.58 -13.21 -3.94
N SER A 78 -12.12 -13.24 -2.67
CA SER A 78 -11.63 -12.08 -1.92
C SER A 78 -10.10 -12.00 -1.98
N GLY A 79 -9.60 -10.81 -2.32
CA GLY A 79 -8.18 -10.52 -2.40
C GLY A 79 -7.53 -10.56 -1.03
N TRP A 80 -8.31 -10.23 0.01
CA TRP A 80 -7.90 -10.24 1.41
C TRP A 80 -7.67 -11.65 1.94
N ASN A 81 -8.53 -12.61 1.55
CA ASN A 81 -8.41 -14.02 1.92
C ASN A 81 -7.25 -14.69 1.21
N LEU A 82 -7.02 -14.32 -0.08
CA LEU A 82 -5.92 -14.82 -0.91
C LEU A 82 -4.60 -14.38 -0.28
N PHE A 83 -4.53 -13.10 0.19
CA PHE A 83 -3.38 -12.52 0.87
C PHE A 83 -3.10 -13.34 2.13
N ASP A 84 -4.15 -13.58 2.96
CA ASP A 84 -4.10 -14.38 4.18
C ASP A 84 -3.61 -15.80 3.90
N PHE A 85 -4.08 -16.40 2.78
CA PHE A 85 -3.69 -17.73 2.33
C PHE A 85 -2.20 -17.75 1.93
N VAL A 86 -1.75 -16.78 1.11
CA VAL A 86 -0.38 -16.67 0.63
C VAL A 86 0.61 -16.49 1.79
N ILE A 87 0.29 -15.64 2.78
CA ILE A 87 1.12 -15.38 3.97
C ILE A 87 1.34 -16.65 4.82
N VAL A 88 0.27 -17.42 5.06
CA VAL A 88 0.31 -18.65 5.87
C VAL A 88 0.90 -19.85 5.09
N ALA A 89 0.44 -20.08 3.83
CA ALA A 89 0.88 -21.21 2.99
C ALA A 89 2.35 -21.15 2.55
N ILE A 90 2.95 -19.94 2.48
CA ILE A 90 4.36 -19.78 2.08
C ILE A 90 5.33 -20.34 3.15
N ALA A 91 4.89 -20.39 4.42
CA ALA A 91 5.68 -20.90 5.55
C ALA A 91 5.90 -22.42 5.46
N LEU A 92 4.99 -23.14 4.77
CA LEU A 92 5.05 -24.59 4.58
C LEU A 92 5.53 -24.98 3.17
N MET A 93 6.08 -24.01 2.41
CA MET A 93 6.58 -24.22 1.05
C MET A 93 8.04 -24.71 1.02
N PRO A 94 8.30 -25.98 0.62
CA PRO A 94 9.70 -26.46 0.61
C PRO A 94 10.44 -26.16 -0.69
N ALA A 95 11.59 -25.44 -0.59
CA ALA A 95 12.47 -25.01 -1.68
C ALA A 95 11.75 -24.29 -2.84
N GLN A 96 11.60 -22.96 -2.71
CA GLN A 96 10.92 -22.11 -3.71
C GLN A 96 11.91 -21.50 -4.70
N GLY A 97 11.53 -21.53 -5.99
CA GLY A 97 12.31 -20.99 -7.08
C GLY A 97 12.02 -19.53 -7.34
N SER A 98 12.62 -18.64 -6.52
CA SER A 98 12.46 -17.19 -6.60
C SER A 98 13.80 -16.47 -6.38
N LEU A 99 13.92 -15.22 -6.89
CA LEU A 99 15.12 -14.40 -6.75
C LEU A 99 15.15 -13.71 -5.37
N SER A 100 15.29 -14.55 -4.32
CA SER A 100 15.31 -14.14 -2.91
C SER A 100 16.50 -14.78 -2.17
N VAL A 101 17.01 -14.10 -1.12
CA VAL A 101 18.13 -14.59 -0.30
C VAL A 101 17.65 -15.73 0.65
N LEU A 102 16.54 -15.49 1.40
CA LEU A 102 15.92 -16.45 2.35
C LEU A 102 14.51 -16.02 2.78
N ARG A 103 13.68 -17.00 3.23
CA ARG A 103 12.32 -16.77 3.72
C ARG A 103 12.28 -16.61 5.25
N THR A 104 13.31 -15.95 5.80
CA THR A 104 13.51 -15.65 7.23
C THR A 104 12.51 -14.61 7.74
N PHE A 105 11.89 -13.84 6.81
CA PHE A 105 10.95 -12.79 7.13
C PHE A 105 9.55 -13.34 7.43
N ARG A 106 9.46 -14.04 8.58
CA ARG A 106 8.22 -14.61 9.14
C ARG A 106 7.41 -13.50 9.80
N ILE A 107 8.07 -12.36 10.09
CA ILE A 107 7.50 -11.17 10.73
C ILE A 107 6.45 -10.51 9.83
N PHE A 108 6.46 -10.80 8.51
CA PHE A 108 5.47 -10.31 7.55
C PHE A 108 4.06 -10.84 7.89
N ARG A 109 3.99 -11.81 8.82
CA ARG A 109 2.77 -12.40 9.35
C ARG A 109 1.98 -11.38 10.19
N VAL A 110 2.69 -10.39 10.78
CA VAL A 110 2.14 -9.28 11.56
C VAL A 110 1.27 -8.38 10.64
N MET A 111 1.53 -8.43 9.31
CA MET A 111 0.75 -7.70 8.32
C MET A 111 -0.71 -8.20 8.22
N ARG A 112 -1.02 -9.36 8.87
CA ARG A 112 -2.38 -9.91 8.93
C ARG A 112 -3.28 -9.09 9.84
N LEU A 113 -2.70 -8.25 10.73
CA LEU A 113 -3.44 -7.32 11.60
C LEU A 113 -4.26 -6.37 10.72
N VAL A 114 -3.72 -6.00 9.55
CA VAL A 114 -4.36 -5.15 8.54
C VAL A 114 -5.59 -5.86 7.97
N SER A 115 -5.45 -7.14 7.54
CA SER A 115 -6.56 -7.92 6.97
C SER A 115 -7.61 -8.35 7.97
N VAL A 116 -7.22 -8.70 9.20
CA VAL A 116 -8.13 -9.19 10.24
C VAL A 116 -8.92 -8.04 10.91
N ILE A 117 -8.27 -6.90 11.21
CA ILE A 117 -8.97 -5.76 11.84
C ILE A 117 -9.69 -4.95 10.73
N PRO A 118 -11.06 -4.92 10.73
CA PRO A 118 -11.80 -4.23 9.65
C PRO A 118 -11.51 -2.73 9.46
N THR A 119 -11.30 -1.97 10.56
CA THR A 119 -10.99 -0.54 10.48
C THR A 119 -9.67 -0.32 9.75
N MET A 120 -8.69 -1.22 9.98
CA MET A 120 -7.39 -1.17 9.32
C MET A 120 -7.53 -1.65 7.88
N ARG A 121 -8.35 -2.69 7.64
CA ARG A 121 -8.62 -3.23 6.31
C ARG A 121 -9.22 -2.14 5.39
N ARG A 122 -10.19 -1.33 5.89
CA ARG A 122 -10.84 -0.25 5.14
C ARG A 122 -9.89 0.86 4.71
N VAL A 123 -8.95 1.24 5.61
CA VAL A 123 -7.93 2.26 5.38
C VAL A 123 -6.98 1.84 4.26
N VAL A 124 -6.47 0.61 4.33
CA VAL A 124 -5.54 0.07 3.33
C VAL A 124 -6.25 -0.13 1.99
N GLN A 125 -7.51 -0.61 2.02
CA GLN A 125 -8.36 -0.80 0.84
C GLN A 125 -8.50 0.52 0.06
N GLY A 126 -8.83 1.61 0.76
CA GLY A 126 -8.96 2.94 0.18
C GLY A 126 -7.69 3.39 -0.54
N MET A 127 -6.52 3.15 0.09
CA MET A 127 -5.20 3.46 -0.46
C MET A 127 -4.94 2.64 -1.73
N LEU A 128 -5.20 1.32 -1.68
CA LEU A 128 -5.01 0.41 -2.81
C LEU A 128 -5.88 0.79 -4.00
N LEU A 129 -7.14 1.16 -3.74
CA LEU A 129 -8.09 1.58 -4.78
C LEU A 129 -7.67 2.92 -5.41
N ALA A 130 -6.96 3.76 -4.65
CA ALA A 130 -6.45 5.05 -5.13
C ALA A 130 -5.22 4.92 -6.05
N LEU A 131 -4.45 3.80 -5.97
CA LEU A 131 -3.21 3.61 -6.74
C LEU A 131 -3.37 3.60 -8.28
N PRO A 132 -4.30 2.85 -8.92
CA PRO A 132 -4.38 2.92 -10.40
C PRO A 132 -4.54 4.34 -10.97
N GLY A 133 -5.31 5.17 -10.27
CA GLY A 133 -5.59 6.56 -10.62
C GLY A 133 -4.37 7.48 -10.66
N VAL A 134 -3.28 7.12 -9.95
CA VAL A 134 -2.03 7.90 -9.95
C VAL A 134 -0.93 7.25 -10.84
N GLY A 135 -1.26 6.18 -11.56
CA GLY A 135 -0.34 5.44 -12.44
C GLY A 135 0.48 6.30 -13.38
N SER A 136 -0.18 7.28 -14.02
CA SER A 136 0.41 8.25 -14.95
C SER A 136 1.47 9.14 -14.30
N VAL A 137 1.20 9.61 -13.04
CA VAL A 137 2.12 10.46 -12.27
C VAL A 137 3.32 9.62 -11.86
N ALA A 138 3.09 8.36 -11.40
CA ALA A 138 4.16 7.43 -11.02
C ALA A 138 5.02 7.09 -12.24
N ALA A 139 4.40 6.96 -13.44
CA ALA A 139 5.14 6.71 -14.69
C ALA A 139 5.96 7.96 -15.10
N LEU A 140 5.42 9.19 -14.89
CA LEU A 140 6.14 10.43 -15.18
C LEU A 140 7.43 10.54 -14.33
N LEU A 141 7.32 10.18 -13.04
CA LEU A 141 8.45 10.18 -12.13
C LEU A 141 9.51 9.15 -12.56
N THR A 142 9.06 7.97 -13.02
CA THR A 142 9.91 6.90 -13.54
C THR A 142 10.70 7.38 -14.77
N VAL A 143 10.02 8.03 -15.72
CA VAL A 143 10.59 8.61 -16.93
C VAL A 143 11.67 9.66 -16.60
N VAL A 144 11.37 10.56 -15.65
CA VAL A 144 12.30 11.61 -15.21
C VAL A 144 13.55 10.98 -14.56
N PHE A 145 13.36 9.95 -13.72
CA PHE A 145 14.45 9.21 -13.07
C PHE A 145 15.33 8.51 -14.08
N TYR A 146 14.71 7.83 -15.07
CA TYR A 146 15.44 7.13 -16.10
C TYR A 146 16.27 8.10 -16.95
N ILE A 147 15.67 9.19 -17.44
CA ILE A 147 16.36 10.20 -18.25
C ILE A 147 17.49 10.77 -17.47
N ALA A 148 17.23 11.22 -16.24
CA ALA A 148 18.24 11.80 -15.37
C ALA A 148 19.38 10.82 -15.07
N ALA A 149 19.08 9.51 -14.86
CA ALA A 149 20.10 8.52 -14.54
C ALA A 149 21.02 8.25 -15.70
N VAL A 150 20.49 8.27 -16.93
CA VAL A 150 21.27 8.10 -18.15
C VAL A 150 22.22 9.31 -18.31
N MET A 151 21.68 10.55 -18.15
CA MET A 151 22.42 11.81 -18.25
C MET A 151 23.55 11.88 -17.22
N ALA A 152 23.23 11.61 -15.92
CA ALA A 152 24.16 11.63 -14.80
C ALA A 152 25.30 10.62 -14.99
N THR A 153 24.99 9.43 -15.54
CA THR A 153 25.99 8.38 -15.82
C THR A 153 26.98 8.85 -16.88
N ASN A 154 26.48 9.45 -17.99
CA ASN A 154 27.31 9.98 -19.09
C ASN A 154 28.09 11.21 -18.68
N LEU A 155 27.46 12.15 -17.98
CA LEU A 155 28.13 13.38 -17.53
C LEU A 155 29.19 13.18 -16.44
N TYR A 156 28.86 12.40 -15.39
CA TYR A 156 29.68 12.31 -14.17
C TYR A 156 30.21 10.92 -13.80
N GLY A 157 29.91 9.90 -14.60
CA GLY A 157 30.34 8.55 -14.28
C GLY A 157 31.84 8.35 -14.21
N ALA A 158 32.58 8.93 -15.16
CA ALA A 158 34.04 8.77 -15.22
C ALA A 158 34.79 9.52 -14.10
N THR A 159 34.27 10.67 -13.65
CA THR A 159 34.92 11.47 -12.61
C THR A 159 34.37 11.21 -11.19
N PHE A 160 33.16 10.65 -11.08
CA PHE A 160 32.49 10.35 -9.79
C PHE A 160 31.90 8.94 -9.89
N PRO A 161 32.76 7.90 -10.05
CA PRO A 161 32.22 6.54 -10.27
C PRO A 161 31.46 5.89 -9.12
N GLU A 162 31.69 6.30 -7.87
CA GLU A 162 30.98 5.75 -6.70
C GLU A 162 29.52 6.18 -6.73
N TRP A 163 29.25 7.41 -7.18
CA TRP A 163 27.91 7.97 -7.22
C TRP A 163 27.26 7.80 -8.57
N PHE A 164 28.04 7.85 -9.68
CA PHE A 164 27.41 7.78 -11.00
C PHE A 164 28.06 6.82 -12.01
N GLY A 165 28.94 5.93 -11.56
CA GLY A 165 29.69 5.02 -12.42
C GLY A 165 28.91 4.12 -13.35
N ASP A 166 27.65 3.85 -13.05
CA ASP A 166 26.74 3.04 -13.85
C ASP A 166 25.31 3.53 -13.54
N LEU A 167 24.32 3.01 -14.26
CA LEU A 167 22.90 3.37 -14.15
C LEU A 167 22.29 3.11 -12.77
N SER A 168 22.62 1.99 -12.14
CA SER A 168 22.18 1.60 -10.79
C SER A 168 22.69 2.60 -9.74
N LYS A 169 23.97 2.94 -9.82
CA LYS A 169 24.60 3.90 -8.93
C LYS A 169 23.97 5.25 -9.07
N SER A 170 23.71 5.71 -10.32
CA SER A 170 23.06 7.02 -10.56
C SER A 170 21.63 7.08 -10.08
N LEU A 171 20.85 5.99 -10.25
CA LEU A 171 19.43 5.95 -9.79
C LEU A 171 19.39 6.07 -8.27
N TYR A 172 20.34 5.39 -7.60
CA TYR A 172 20.46 5.42 -6.16
C TYR A 172 20.79 6.83 -5.68
N THR A 173 21.81 7.50 -6.28
CA THR A 173 22.15 8.82 -5.75
C THR A 173 21.16 9.88 -6.17
N LEU A 174 20.42 9.68 -7.26
CA LEU A 174 19.37 10.61 -7.65
C LEU A 174 18.17 10.49 -6.72
N PHE A 175 17.89 9.27 -6.18
CA PHE A 175 16.84 9.06 -5.17
C PHE A 175 17.25 9.84 -3.91
N GLN A 176 18.54 9.73 -3.50
CA GLN A 176 19.12 10.45 -2.37
C GLN A 176 19.02 11.97 -2.60
N VAL A 177 19.32 12.45 -3.82
CA VAL A 177 19.24 13.86 -4.18
C VAL A 177 17.77 14.37 -4.06
N MET A 178 16.79 13.57 -4.55
CA MET A 178 15.37 13.92 -4.49
C MET A 178 14.88 14.02 -3.03
N THR A 179 15.38 13.17 -2.12
CA THR A 179 15.05 13.21 -0.69
C THR A 179 15.82 14.34 0.01
N LEU A 180 16.69 15.11 -0.72
CA LEU A 180 17.44 16.27 -0.22
C LEU A 180 18.50 15.89 0.79
N GLU A 181 18.92 14.62 0.79
CA GLU A 181 19.86 14.13 1.79
C GLU A 181 21.30 14.36 1.31
N SER A 182 21.98 15.31 1.96
CA SER A 182 23.36 15.77 1.71
C SER A 182 23.57 16.07 0.26
N TRP A 183 22.49 16.49 -0.41
CA TRP A 183 22.53 16.70 -1.86
C TRP A 183 23.63 17.70 -2.25
N SER A 184 23.83 18.74 -1.45
CA SER A 184 24.77 19.80 -1.80
C SER A 184 26.13 19.58 -1.20
N MET A 185 26.24 19.52 0.13
CA MET A 185 27.54 19.30 0.81
C MET A 185 28.14 17.96 0.50
N GLY A 186 27.30 16.94 0.29
CA GLY A 186 27.79 15.59 0.05
C GLY A 186 27.97 15.24 -1.42
N ILE A 187 27.10 15.77 -2.31
CA ILE A 187 27.14 15.39 -3.72
C ILE A 187 27.50 16.53 -4.69
N VAL A 188 26.66 17.57 -4.78
CA VAL A 188 26.77 18.61 -5.81
C VAL A 188 27.94 19.59 -5.59
N ARG A 189 28.28 20.03 -4.36
CA ARG A 189 29.49 20.89 -4.23
C ARG A 189 30.73 20.10 -4.64
N PRO A 190 30.95 18.84 -4.20
CA PRO A 190 32.13 18.08 -4.71
C PRO A 190 32.10 17.92 -6.22
N VAL A 191 30.91 17.65 -6.82
CA VAL A 191 30.80 17.50 -8.29
C VAL A 191 31.17 18.81 -9.02
N MET A 192 30.72 19.96 -8.46
CA MET A 192 30.95 21.28 -9.06
C MET A 192 32.42 21.70 -9.04
N ASN A 193 33.25 21.05 -8.19
CA ASN A 193 34.69 21.30 -8.17
C ASN A 193 35.34 20.78 -9.46
N VAL A 194 34.70 19.80 -10.12
CA VAL A 194 35.21 19.25 -11.38
C VAL A 194 34.36 19.77 -12.54
N HIS A 195 33.04 19.84 -12.36
CA HIS A 195 32.08 20.27 -13.37
C HIS A 195 31.35 21.51 -12.83
N PRO A 196 31.92 22.74 -12.99
CA PRO A 196 31.30 23.96 -12.40
C PRO A 196 29.81 24.24 -12.68
N ASN A 197 29.28 23.78 -13.79
CA ASN A 197 27.89 24.06 -14.10
C ASN A 197 26.93 22.93 -13.77
N ALA A 198 27.37 21.96 -12.92
CA ALA A 198 26.53 20.81 -12.52
C ALA A 198 25.20 21.23 -11.85
N TRP A 199 25.14 22.44 -11.24
CA TRP A 199 23.92 22.98 -10.61
C TRP A 199 22.76 23.09 -11.62
N VAL A 200 23.08 23.26 -12.92
CA VAL A 200 22.13 23.34 -14.05
C VAL A 200 21.38 22.00 -14.22
N PHE A 201 22.04 20.91 -13.86
CA PHE A 201 21.44 19.60 -13.92
C PHE A 201 20.67 19.31 -12.61
N PHE A 202 21.36 19.40 -11.45
CA PHE A 202 20.79 19.00 -10.17
C PHE A 202 19.70 19.88 -9.60
N ILE A 203 19.75 21.22 -9.74
CA ILE A 203 18.69 22.06 -9.17
C ILE A 203 17.34 21.81 -9.92
N PRO A 204 17.27 21.83 -11.29
CA PRO A 204 15.97 21.50 -11.96
C PRO A 204 15.49 20.06 -11.66
N PHE A 205 16.40 19.08 -11.53
CA PHE A 205 16.07 17.69 -11.16
C PHE A 205 15.37 17.67 -9.79
N ILE A 206 15.91 18.40 -8.80
CA ILE A 206 15.33 18.50 -7.46
C ILE A 206 13.94 19.16 -7.58
N MET A 207 13.82 20.30 -8.28
CA MET A 207 12.55 21.04 -8.40
C MET A 207 11.44 20.18 -8.99
N LEU A 208 11.73 19.45 -10.06
CA LEU A 208 10.79 18.57 -10.74
C LEU A 208 10.42 17.32 -9.95
N THR A 209 11.38 16.62 -9.32
CA THR A 209 11.07 15.37 -8.62
C THR A 209 10.40 15.58 -7.26
N THR A 210 10.75 16.62 -6.49
CA THR A 210 10.11 16.85 -5.19
C THR A 210 8.64 17.26 -5.46
N PHE A 211 8.44 18.06 -6.52
CA PHE A 211 7.13 18.48 -6.99
C PHE A 211 6.26 17.25 -7.34
N THR A 212 6.79 16.35 -8.20
CA THR A 212 6.09 15.18 -8.72
C THR A 212 5.75 14.19 -7.61
N VAL A 213 6.71 13.93 -6.70
CA VAL A 213 6.50 13.06 -5.54
C VAL A 213 5.34 13.60 -4.64
N LEU A 214 5.34 14.90 -4.36
CA LEU A 214 4.30 15.54 -3.54
C LEU A 214 2.95 15.43 -4.26
N ASN A 215 2.95 15.62 -5.59
CA ASN A 215 1.78 15.52 -6.44
C ASN A 215 1.20 14.09 -6.35
N LEU A 216 2.07 13.07 -6.51
CA LEU A 216 1.73 11.65 -6.40
C LEU A 216 1.09 11.35 -5.02
N PHE A 217 1.77 11.78 -3.93
CA PHE A 217 1.36 11.58 -2.55
C PHE A 217 0.03 12.26 -2.24
N ILE A 218 -0.14 13.56 -2.62
CA ILE A 218 -1.39 14.28 -2.41
C ILE A 218 -2.53 13.61 -3.20
N GLY A 219 -2.25 13.22 -4.44
CA GLY A 219 -3.20 12.53 -5.32
C GLY A 219 -3.73 11.27 -4.66
N ILE A 220 -2.83 10.43 -4.11
CA ILE A 220 -3.22 9.21 -3.39
C ILE A 220 -4.05 9.52 -2.11
N ILE A 221 -3.57 10.48 -1.29
CA ILE A 221 -4.22 10.86 -0.04
C ILE A 221 -5.66 11.35 -0.24
N VAL A 222 -5.87 12.30 -1.15
CA VAL A 222 -7.19 12.87 -1.47
C VAL A 222 -8.15 11.80 -2.00
N ASP A 223 -7.68 10.97 -2.95
CA ASP A 223 -8.49 9.89 -3.53
C ASP A 223 -8.85 8.82 -2.49
N ALA A 224 -7.87 8.34 -1.72
CA ALA A 224 -8.07 7.32 -0.67
C ALA A 224 -9.10 7.79 0.34
N MET A 225 -8.98 9.05 0.82
CA MET A 225 -9.93 9.68 1.76
C MET A 225 -11.35 9.70 1.19
N ALA A 226 -11.51 10.10 -0.10
CA ALA A 226 -12.83 10.15 -0.77
C ALA A 226 -13.40 8.76 -0.98
N ILE A 227 -12.58 7.80 -1.48
CA ILE A 227 -12.96 6.40 -1.72
C ILE A 227 -13.47 5.74 -0.42
N THR A 228 -12.73 5.93 0.69
CA THR A 228 -13.08 5.38 2.02
C THR A 228 -14.42 5.94 2.49
N LYS A 229 -14.59 7.28 2.47
CA LYS A 229 -15.80 8.00 2.86
C LYS A 229 -17.01 7.51 2.06
N GLU A 230 -16.82 7.31 0.74
CA GLU A 230 -17.89 6.83 -0.16
C GLU A 230 -18.25 5.36 0.03
N GLN A 231 -17.25 4.51 0.33
CA GLN A 231 -17.45 3.07 0.58
C GLN A 231 -18.20 2.84 1.89
N GLU A 232 -17.93 3.66 2.93
CA GLU A 232 -18.59 3.62 4.24
C GLU A 232 -20.07 3.94 4.07
N GLU A 233 -20.39 4.96 3.24
CA GLU A 233 -21.77 5.37 2.96
C GLU A 233 -22.53 4.28 2.20
N GLU A 234 -21.85 3.61 1.25
CA GLU A 234 -22.38 2.51 0.45
C GLU A 234 -22.65 1.31 1.35
N ALA A 235 -21.78 1.07 2.34
CA ALA A 235 -21.91 -0.02 3.31
C ALA A 235 -23.04 0.23 4.31
N LYS A 236 -23.21 1.50 4.73
CA LYS A 236 -24.23 1.95 5.68
C LYS A 236 -25.66 1.87 5.11
N THR A 237 -25.86 2.43 3.91
CA THR A 237 -27.17 2.52 3.26
C THR A 237 -27.51 1.37 2.32
N GLY A 238 -26.49 0.77 1.71
CA GLY A 238 -26.66 -0.29 0.73
C GLY A 238 -26.85 0.24 -0.68
N HIS A 239 -26.93 1.58 -0.83
CA HIS A 239 -27.09 2.27 -2.11
C HIS A 239 -25.76 2.74 -2.66
N HIS A 240 -25.60 2.70 -3.99
CA HIS A 240 -24.40 3.15 -4.70
C HIS A 240 -24.17 4.64 -4.44
N GLN A 241 -22.94 5.00 -4.08
CA GLN A 241 -22.59 6.39 -3.79
C GLN A 241 -21.99 7.05 -5.01
N GLU A 242 -22.67 8.10 -5.52
CA GLU A 242 -22.17 8.90 -6.64
C GLU A 242 -20.84 9.53 -6.17
N PRO A 243 -19.73 9.36 -6.93
CA PRO A 243 -18.45 9.97 -6.48
C PRO A 243 -18.57 11.49 -6.39
N ILE A 244 -17.90 12.11 -5.41
CA ILE A 244 -17.96 13.54 -5.12
C ILE A 244 -17.62 14.43 -6.33
N SER A 245 -16.65 14.02 -7.14
CA SER A 245 -16.22 14.72 -8.34
C SER A 245 -17.36 14.84 -9.33
N GLN A 246 -18.13 13.77 -9.48
CA GLN A 246 -19.32 13.72 -10.34
C GLN A 246 -20.43 14.66 -9.82
N THR A 247 -20.59 14.77 -8.47
CA THR A 247 -21.56 15.66 -7.83
C THR A 247 -21.12 17.11 -8.06
N LEU A 248 -19.81 17.41 -7.88
CA LEU A 248 -19.26 18.75 -8.07
C LEU A 248 -19.28 19.20 -9.55
N LEU A 249 -18.96 18.31 -10.50
CA LEU A 249 -18.99 18.60 -11.95
C LEU A 249 -20.38 18.96 -12.45
N HIS A 250 -21.44 18.28 -11.94
CA HIS A 250 -22.81 18.52 -12.39
C HIS A 250 -23.63 19.44 -11.47
N LEU A 251 -23.02 19.99 -10.42
CA LEU A 251 -23.71 20.88 -9.48
C LEU A 251 -24.31 22.12 -10.18
N GLY A 252 -23.52 22.77 -11.04
CA GLY A 252 -23.95 23.92 -11.84
C GLY A 252 -25.09 23.57 -12.79
N ASP A 253 -24.97 22.43 -13.52
CA ASP A 253 -25.96 21.91 -14.47
C ASP A 253 -27.28 21.64 -13.78
N ARG A 254 -27.22 21.02 -12.57
CA ARG A 254 -28.40 20.67 -11.79
C ARG A 254 -29.12 21.89 -11.25
N LEU A 255 -28.39 22.86 -10.69
CA LEU A 255 -28.97 24.08 -10.11
C LEU A 255 -29.68 24.96 -11.13
N ASP A 256 -29.10 25.12 -12.34
CA ASP A 256 -29.71 25.97 -13.37
C ASP A 256 -30.95 25.31 -13.98
N ARG A 257 -30.96 23.96 -14.03
CA ARG A 257 -32.08 23.13 -14.50
C ARG A 257 -33.25 23.28 -13.54
N ILE A 258 -32.98 23.36 -12.21
CA ILE A 258 -34.05 23.54 -11.23
C ILE A 258 -34.56 25.00 -11.30
N GLU A 259 -33.66 25.98 -11.59
CA GLU A 259 -33.98 27.40 -11.74
C GLU A 259 -34.96 27.59 -12.92
N LYS A 260 -34.70 26.86 -14.03
CA LYS A 260 -35.49 26.86 -15.26
C LYS A 260 -36.86 26.23 -15.03
N GLN A 261 -36.91 25.06 -14.35
CA GLN A 261 -38.16 24.36 -14.03
C GLN A 261 -39.01 25.20 -13.06
N LEU A 262 -38.34 25.99 -12.20
CA LEU A 262 -38.97 26.86 -11.22
C LEU A 262 -39.61 28.09 -11.88
N ALA A 263 -38.88 28.72 -12.84
CA ALA A 263 -39.32 29.91 -13.59
C ALA A 263 -40.50 29.61 -14.53
N GLN A 264 -40.55 28.38 -15.10
CA GLN A 264 -41.65 27.98 -15.98
C GLN A 264 -42.90 27.64 -15.18
N ASN A 265 -42.71 27.18 -13.92
CA ASN A 265 -43.81 26.88 -12.99
C ASN A 265 -44.40 28.21 -12.52
N ASN A 266 -43.54 29.24 -12.41
CA ASN A 266 -43.92 30.61 -12.05
C ASN A 266 -44.71 31.22 -13.21
N GLU A 267 -44.29 30.91 -14.46
CA GLU A 267 -44.92 31.37 -15.70
C GLU A 267 -46.33 30.79 -15.86
N LEU A 268 -46.52 29.51 -15.47
CA LEU A 268 -47.82 28.84 -15.52
C LEU A 268 -48.73 29.36 -14.41
N LEU A 269 -48.13 29.83 -13.31
CA LEU A 269 -48.84 30.34 -12.13
C LEU A 269 -49.38 31.76 -12.28
N GLN A 270 -48.56 32.72 -12.79
CA GLN A 270 -48.93 34.12 -12.97
C GLN A 270 -50.16 34.30 -13.89
N ARG A 271 -50.27 33.46 -14.94
CA ARG A 271 -51.41 33.46 -15.86
C ARG A 271 -52.20 32.16 -15.73
N GLN A 272 -53.38 32.23 -15.10
CA GLN A 272 -54.28 31.10 -14.85
C GLN A 272 -55.72 31.47 -15.20
NA NA B . 13.45 17.40 4.66
NA NA C . 16.55 16.98 5.32
NA NA D . 18.99 16.65 5.84
C9 2CV E . 17.97 29.40 -7.88
C12 2CV E . 19.44 29.24 -7.52
C15 2CV E . 20.36 29.27 -8.73
C18 2CV E . 21.82 29.10 -8.37
C21 2CV E . 22.74 29.39 -9.51
C24 2CV E . 24.12 29.79 -9.09
C27 2CV E . 25.16 28.72 -9.33
C30 2CV E . 26.23 29.15 -10.31
N33 2CV E . 27.52 29.05 -9.92
O34 2CV E . 25.92 29.66 -11.37
C35 2CV E . 28.63 29.38 -10.83
C36 2CV E . 27.87 28.89 -8.51
C37 2CV E . 28.54 27.63 -8.00
C40 2CV E . 29.03 28.01 -6.61
C41 2CV E . 29.60 26.84 -5.80
C42 2CV E . 31.12 26.66 -5.89
C43 2CV E . 31.92 27.80 -5.26
O44 2CV E . 32.01 27.63 -3.86
O47 2CV E . 29.63 27.25 -8.85
O49 2CV E . 27.94 28.53 -5.89
O51 2CV E . 28.97 25.62 -6.13
O53 2CV E . 31.54 26.36 -7.22
C60 2CV E . 28.99 28.25 -11.76
O63 2CV E . 30.28 28.44 -12.34
C1 2CV E . 17.06 29.53 -6.68
C0 2CV E . 15.58 29.71 -7.02
C10 OHT F . -12.93 15.63 -2.03
C9 OHT F . -13.38 16.23 -0.70
C8 OHT F . -12.80 15.50 0.51
C11 OHT F . -11.39 15.86 0.81
C16 OHT F . -11.04 17.16 1.22
C15 OHT F . -9.73 17.47 1.57
C14 OHT F . -8.75 16.50 1.52
C13 OHT F . -9.07 15.21 1.11
C12 OHT F . -10.37 14.90 0.75
C7 OHT F . -13.50 14.63 1.26
C1 OHT F . -14.89 14.19 0.94
C2 OHT F . -15.13 13.31 -0.13
C3 OHT F . -16.42 12.87 -0.40
C4 OHT F . -17.48 13.31 0.38
O4 OHT F . -18.76 12.97 0.05
C5 OHT F . -17.24 14.16 1.46
C6 OHT F . -15.96 14.60 1.72
C17 OHT F . -13.00 14.10 2.57
C18 OHT F . -12.74 12.74 2.73
C19 OHT F . -12.36 12.24 3.97
C20 OHT F . -12.23 13.11 5.05
O20 OHT F . -11.81 12.85 6.33
C23 OHT F . -11.38 11.51 6.65
C24 OHT F . -10.09 11.67 7.40
N24 OHT F . -9.42 10.42 7.72
C25 OHT F . -8.08 10.39 7.15
C26 OHT F . -9.35 10.24 9.17
C21 OHT F . -12.47 14.46 4.89
C22 OHT F . -12.86 14.95 3.65
O37 12P G . 7.29 18.64 -16.98
C36 12P G . 8.15 17.88 -17.82
C35 12P G . 9.61 18.16 -17.56
O34 12P G . 10.41 17.36 -18.42
C33 12P G . 11.80 17.32 -18.06
C32 12P G . 12.22 15.89 -17.84
O31 12P G . 13.61 15.73 -18.07
C30 12P G . 14.32 15.23 -16.96
C29 12P G . 15.72 15.75 -17.00
O28 12P G . 16.30 15.85 -15.69
C27 12P G . 16.23 17.14 -15.10
C26 12P G . 17.48 17.94 -15.32
O25 12P G . 17.43 18.60 -16.57
C24 12P G . 18.44 19.58 -16.75
C23 12P G . 19.13 19.37 -18.06
O22 12P G . 20.25 20.24 -18.19
C21 12P G . 21.48 19.55 -18.30
C20 12P G . 22.58 20.50 -18.60
O19 12P G . 23.83 19.84 -18.49
C18 12P G . 24.56 20.22 -17.33
C17 12P G . 26.01 20.37 -17.65
O16 12P G . 26.74 20.66 -16.46
C15 12P G . 27.86 19.81 -16.26
C14 12P G . 28.93 20.53 -15.50
O13 12P G . 29.44 21.67 -16.18
C12 12P G . 30.84 21.68 -16.32
C10 OHT H . -17.85 14.59 12.41
C9 OHT H . -16.34 14.60 12.58
C8 OHT H . -15.69 13.28 12.26
C11 OHT H . -15.63 12.33 13.41
C16 OHT H . -16.69 11.44 13.64
C15 OHT H . -16.62 10.51 14.68
C14 OHT H . -15.48 10.47 15.49
C13 OHT H . -14.44 11.34 15.26
C12 OHT H . -14.51 12.28 14.24
C7 OHT H . -15.12 12.98 11.06
C1 OHT H . -15.00 13.95 9.93
C2 OHT H . -14.55 15.25 10.14
C3 OHT H . -14.25 16.09 9.07
C4 OHT H . -14.40 15.63 7.77
O4 OHT H . -14.13 16.45 6.71
C5 OHT H . -14.86 14.34 7.54
C6 OHT H . -15.17 13.51 8.61
C17 OHT H . -14.60 11.63 10.77
C18 OHT H . -15.45 10.60 10.33
C19 OHT H . -14.96 9.35 10.01
C20 OHT H . -13.60 9.09 10.13
O20 OHT H . -13.27 7.81 9.77
C23 OHT H . -11.89 7.41 9.81
C24 OHT H . -11.82 5.95 10.23
N24 OHT H . -11.74 5.73 11.67
C25 OHT H . -12.95 5.06 12.16
C26 OHT H . -10.56 4.93 12.01
C21 OHT H . -12.74 10.09 10.58
C22 OHT H . -13.23 11.33 10.89
C9 2CV I . 10.76 11.59 -0.11
C12 2CV I . 11.06 12.83 -0.95
C15 2CV I . 10.43 14.09 -0.42
C18 2CV I . 11.14 15.39 -0.84
C21 2CV I . 10.46 16.69 -0.36
C24 2CV I . 9.03 16.93 -0.94
C27 2CV I . 8.53 18.37 -0.77
C30 2CV I . 8.37 18.78 0.67
C1 2CV I . 9.64 10.72 -0.64
C0 2CV I . 10.12 9.45 -1.29
C9 2CV J . 20.14 32.04 -11.81
C12 2CV J . 21.21 32.39 -12.81
C15 2CV J . 22.61 32.43 -12.21
C18 2CV J . 23.62 33.19 -13.05
C21 2CV J . 24.16 32.44 -14.28
C24 2CV J . 25.39 31.54 -14.00
C27 2CV J . 26.62 32.34 -13.59
C30 2CV J . 27.90 31.54 -13.67
N33 2CV J . 29.07 32.21 -13.52
O34 2CV J . 27.88 30.35 -13.92
C35 2CV J . 30.36 31.49 -13.53
C36 2CV J . 29.17 33.68 -13.43
C37 2CV J . 29.03 34.43 -14.74
C40 2CV J . 30.31 34.52 -15.57
O47 2CV J . 28.51 35.74 -14.51
O49 2CV J . 30.40 33.36 -16.39
C60 2CV J . 31.13 31.64 -12.23
O63 2CV J . 32.03 30.56 -12.03
C1 2CV J . 18.72 32.21 -12.34
C0 2CV J . 17.69 32.11 -11.26
#